data_7OZ8
#
_entry.id   7OZ8
#
_cell.length_a   56.389
_cell.length_b   56.389
_cell.length_c   279.763
_cell.angle_alpha   90.000
_cell.angle_beta   90.000
_cell.angle_gamma   120.000
#
_symmetry.space_group_name_H-M   'P 32 2 1'
#
loop_
_entity.id
_entity.type
_entity.pdbx_description
1 polymer Choline-sulfatase
2 non-polymer 2-acetamido-2-deoxy-6-O-sulfo-beta-D-glucopyranose
3 non-polymer 'ACETATE ION'
4 water water
#
_entity_poly.entity_id   1
_entity_poly.type   'polypeptide(L)'
_entity_poly.pdbx_seq_one_letter_code
;MGSSHHHHHHSSGLVPRGSHMASQKQPHIILIMTDQQRGDAMGCMGNESLISPHLDALASEGTLFMNGYSSCPSSTPARA
GLLTGQSPWHHGLLGYGKVAPKYNHEMPQMLKDAGYYTFGIGKMHWHPQRIKHGFEGTLLDESGRREDPNFISDYRLWFQ
IQAPGKNPDETGIGWNDHGAATYKLKESLHPTYWTGEMACQMIQNYDNGNQPLFLKVSFARPHSPYDPPQRFLDMYKDAQ
VPDPVIGEWCGKYAKELDPEKAAKDAPYGNFGNEYARHSKRYYYANITFIDEQIGRVLQTLKDKGMYDNSLIIFVSDHGD
MMGDHYHWRKTYPYEGSTHIPYIIKWPAKAQVVPGKVDNPVELRDLLPTFFEIAGTSVPTDIDGRSLLSLAKGTETEWRK
YIDLEHATCYSDDNYWCALTDGKIKYIWYFYTGEEQLFDLAKDPKELHNAVNDKKYKKLLTGMRAEMIRHLSERGEEFVK
DGQLVVRKKTMLYGPNYPKEKR
;
_entity_poly.pdbx_strand_id   AAA
#
loop_
_chem_comp.id
_chem_comp.type
_chem_comp.name
_chem_comp.formula
ACT non-polymer 'ACETATE ION' 'C2 H3 O2 -1'
NGS D-saccharide, beta linking 2-acetamido-2-deoxy-6-O-sulfo-beta-D-glucopyranose 'C8 H15 N O9 S'
#
# COMPACT_ATOMS: atom_id res chain seq x y z
N GLN A 26 5.54 26.46 -7.89
CA GLN A 26 4.76 25.23 -7.51
C GLN A 26 5.49 24.50 -6.39
N PRO A 27 4.77 23.85 -5.45
CA PRO A 27 5.42 23.16 -4.35
C PRO A 27 6.16 21.90 -4.85
N HIS A 28 7.24 21.56 -4.14
CA HIS A 28 7.91 20.25 -4.29
C HIS A 28 6.87 19.18 -3.96
N ILE A 29 6.90 18.03 -4.63
CA ILE A 29 6.03 16.86 -4.29
C ILE A 29 6.96 15.70 -3.91
N ILE A 30 6.91 15.27 -2.65
CA ILE A 30 7.74 14.15 -2.13
C ILE A 30 6.76 13.00 -1.80
N LEU A 31 6.66 12.01 -2.70
CA LEU A 31 5.81 10.80 -2.52
C LEU A 31 6.62 9.70 -1.83
N ILE A 32 6.39 9.47 -0.54
CA ILE A 32 7.13 8.47 0.25
C ILE A 32 6.19 7.28 0.38
N MET A 33 6.67 6.05 0.17
CA MET A 33 5.78 4.87 0.35
C MET A 33 6.59 3.66 0.73
N THR A 34 5.90 2.69 1.31
CA THR A 34 6.48 1.40 1.71
C THR A 34 5.65 0.32 1.03
N ASP A 35 6.18 -0.89 1.04
CA ASP A 35 5.45 -2.04 0.46
C ASP A 35 4.96 -2.91 1.61
N GLN A 36 3.65 -3.19 1.67
CA GLN A 36 3.10 -4.25 2.56
C GLN A 36 3.11 -3.73 4.01
N GLN A 37 2.93 -2.41 4.21
CA GLN A 37 2.73 -1.85 5.57
C GLN A 37 1.23 -1.76 5.90
N ARG A 38 0.81 -2.37 6.99
CA ARG A 38 -0.59 -2.28 7.48
C ARG A 38 -0.91 -0.83 7.86
N GLY A 39 -2.13 -0.38 7.56
CA GLY A 39 -2.66 0.91 8.05
C GLY A 39 -2.60 1.05 9.58
N ASP A 40 -2.76 -0.05 10.33
CA ASP A 40 -2.75 0.01 11.82
C ASP A 40 -1.30 0.04 12.35
N ALA A 41 -0.30 -0.02 11.46
CA ALA A 41 1.12 -0.14 11.89
C ALA A 41 1.81 1.23 11.82
N MET A 42 1.23 2.25 12.49
CA MET A 42 1.85 3.56 12.83
C MET A 42 1.40 3.95 14.25
N GLY A 43 2.27 4.59 15.01
CA GLY A 43 1.91 5.09 16.36
C GLY A 43 0.72 6.02 16.33
N CYS A 44 0.62 6.88 15.30
CA CYS A 44 -0.44 7.93 15.16
C CYS A 44 -1.77 7.28 14.78
N MET A 45 -1.80 5.99 14.45
CA MET A 45 -3.07 5.28 14.15
C MET A 45 -3.60 4.57 15.40
N GLY A 46 -3.05 4.88 16.58
CA GLY A 46 -3.54 4.36 17.86
C GLY A 46 -2.85 3.07 18.24
N ASN A 47 -1.74 2.75 17.57
CA ASN A 47 -0.96 1.53 17.85
C ASN A 47 0.11 1.88 18.90
N GLU A 48 -0.09 1.41 20.13
CA GLU A 48 0.72 1.81 21.32
C GLU A 48 2.10 1.16 21.28
N SER A 49 2.26 0.00 20.65
CA SER A 49 3.55 -0.73 20.66
C SER A 49 4.41 -0.45 19.41
N LEU A 50 3.92 0.29 18.42
N LEU A 50 3.94 0.35 18.46
CA LEU A 50 4.70 0.58 17.18
CA LEU A 50 4.71 0.59 17.21
C LEU A 50 5.45 1.92 17.28
C LEU A 50 5.45 1.92 17.26
N ILE A 51 6.77 1.88 17.08
CA ILE A 51 7.64 3.07 17.16
C ILE A 51 7.80 3.68 15.77
N SER A 52 7.07 4.77 15.50
CA SER A 52 7.11 5.60 14.27
C SER A 52 7.06 7.09 14.62
N PRO A 53 8.06 7.62 15.37
CA PRO A 53 8.05 9.02 15.78
C PRO A 53 8.11 10.00 14.62
N HIS A 54 8.85 9.69 13.54
CA HIS A 54 8.98 10.59 12.36
C HIS A 54 7.67 10.63 11.57
N LEU A 55 7.01 9.50 11.34
CA LEU A 55 5.69 9.48 10.65
C LEU A 55 4.62 10.12 11.57
N ASP A 56 4.69 9.91 12.88
CA ASP A 56 3.71 10.47 13.87
C ASP A 56 3.84 12.00 13.84
N ALA A 57 5.07 12.53 13.75
CA ALA A 57 5.32 13.98 13.66
C ALA A 57 4.80 14.51 12.32
N LEU A 58 5.09 13.81 11.20
CA LEU A 58 4.59 14.22 9.86
C LEU A 58 3.05 14.34 9.92
N ALA A 59 2.39 13.32 10.48
CA ALA A 59 0.92 13.24 10.58
C ALA A 59 0.41 14.37 11.47
N SER A 60 1.11 14.69 12.57
CA SER A 60 0.75 15.79 13.50
C SER A 60 0.69 17.13 12.73
N GLU A 61 1.49 17.30 11.67
CA GLU A 61 1.58 18.58 10.90
C GLU A 61 0.71 18.52 9.65
N GLY A 62 -0.10 17.48 9.49
CA GLY A 62 -0.93 17.34 8.27
C GLY A 62 -2.21 16.59 8.50
N THR A 63 -2.75 16.04 7.42
CA THR A 63 -4.02 15.26 7.42
C THR A 63 -3.71 13.78 7.51
N LEU A 64 -4.14 13.15 8.61
CA LEU A 64 -4.13 11.69 8.80
C LEU A 64 -5.45 11.11 8.28
N PHE A 65 -5.42 10.45 7.14
CA PHE A 65 -6.62 9.79 6.55
C PHE A 65 -6.79 8.46 7.28
N MET A 66 -7.89 8.31 8.00
CA MET A 66 -8.09 7.19 8.94
C MET A 66 -8.61 5.97 8.20
N ASN A 67 -9.18 6.14 7.02
CA ASN A 67 -9.77 5.07 6.18
C ASN A 67 -9.18 5.14 4.77
N GLY A 68 -7.85 5.08 4.68
CA GLY A 68 -7.13 4.88 3.41
C GLY A 68 -7.13 3.41 3.01
N TYR A 69 -7.44 3.15 1.75
CA TYR A 69 -7.58 1.78 1.19
C TYR A 69 -6.70 1.65 -0.06
N SER A 70 -6.18 0.44 -0.27
CA SER A 70 -5.74 -0.04 -1.59
C SER A 70 -6.87 -0.88 -2.21
N SER A 71 -7.38 -0.47 -3.37
CA SER A 71 -8.49 -1.13 -4.12
C SER A 71 -8.12 -2.56 -4.49
N CYS A 72 -6.86 -2.82 -4.84
CA CYS A 72 -6.43 -4.14 -5.36
C CYS A 72 -5.15 -4.51 -4.60
N PRO A 73 -5.29 -5.25 -3.47
CA PRO A 73 -4.21 -5.36 -2.50
C PRO A 73 -3.10 -6.37 -2.88
N SER A 74 -2.40 -6.09 -3.98
CA SER A 74 -1.09 -6.72 -4.32
C SER A 74 -0.26 -5.64 -5.01
N SER A 75 1.04 -5.85 -5.19
CA SER A 75 1.96 -4.73 -5.49
C SER A 75 1.59 -4.08 -6.82
N THR A 76 1.48 -4.85 -7.90
CA THR A 76 1.38 -4.29 -9.27
C THR A 76 0.05 -3.60 -9.55
N PRO A 77 -1.15 -4.15 -9.20
CA PRO A 77 -2.37 -3.40 -9.47
C PRO A 77 -2.50 -2.15 -8.60
N ALA A 78 -2.06 -2.21 -7.34
CA ALA A 78 -2.12 -1.03 -6.44
C ALA A 78 -1.20 0.06 -7.01
N ARG A 79 -0.04 -0.34 -7.53
CA ARG A 79 0.92 0.62 -8.10
C ARG A 79 0.37 1.18 -9.41
N ALA A 80 -0.43 0.41 -10.15
CA ALA A 80 -1.07 0.92 -11.39
C ALA A 80 -2.11 1.97 -11.01
N GLY A 81 -2.89 1.70 -9.95
CA GLY A 81 -3.87 2.66 -9.40
C GLY A 81 -3.19 3.95 -9.02
N LEU A 82 -2.12 3.85 -8.24
CA LEU A 82 -1.22 4.98 -7.87
C LEU A 82 -0.77 5.75 -9.11
N LEU A 83 -0.26 5.05 -10.13
CA LEU A 83 0.42 5.67 -11.31
C LEU A 83 -0.61 6.49 -12.11
N THR A 84 -1.85 5.99 -12.23
CA THR A 84 -2.84 6.45 -13.24
C THR A 84 -4.01 7.26 -12.65
N GLY A 85 -4.20 7.27 -11.33
CA GLY A 85 -5.39 7.85 -10.71
C GLY A 85 -6.68 7.13 -11.12
N GLN A 86 -6.60 5.85 -11.42
CA GLN A 86 -7.76 5.08 -11.97
C GLN A 86 -8.09 3.90 -11.06
N SER A 87 -9.37 3.51 -11.07
CA SER A 87 -9.91 2.25 -10.50
C SER A 87 -9.30 1.05 -11.21
N PRO A 88 -9.23 -0.14 -10.57
CA PRO A 88 -8.77 -1.35 -11.23
C PRO A 88 -9.46 -1.60 -12.58
N TRP A 89 -10.78 -1.42 -12.66
CA TRP A 89 -11.50 -1.64 -13.94
C TRP A 89 -10.98 -0.70 -15.03
N HIS A 90 -10.64 0.55 -14.71
CA HIS A 90 -10.22 1.56 -15.72
C HIS A 90 -8.74 1.40 -16.13
N HIS A 91 -7.79 1.09 -15.23
CA HIS A 91 -6.38 0.83 -15.65
C HIS A 91 -6.26 -0.59 -16.17
N GLY A 92 -7.15 -1.50 -15.75
CA GLY A 92 -7.32 -2.80 -16.44
C GLY A 92 -6.61 -3.97 -15.77
N LEU A 93 -5.80 -3.73 -14.75
CA LEU A 93 -5.11 -4.81 -13.98
C LEU A 93 -5.92 -5.12 -12.72
N LEU A 94 -6.53 -6.31 -12.64
CA LEU A 94 -7.53 -6.63 -11.60
C LEU A 94 -6.92 -7.55 -10.54
N GLY A 95 -5.63 -7.85 -10.65
CA GLY A 95 -4.90 -8.62 -9.64
C GLY A 95 -3.41 -8.59 -9.89
N TYR A 96 -2.69 -9.57 -9.38
CA TYR A 96 -1.21 -9.59 -9.40
C TYR A 96 -0.73 -9.90 -10.82
N GLY A 97 -0.42 -8.88 -11.62
CA GLY A 97 0.19 -9.07 -12.95
C GLY A 97 1.28 -8.05 -13.22
N LYS A 98 1.34 -7.58 -14.48
CA LYS A 98 2.33 -6.59 -14.98
C LYS A 98 1.67 -5.23 -15.07
N VAL A 99 2.35 -4.19 -14.62
CA VAL A 99 1.96 -2.80 -14.94
C VAL A 99 2.21 -2.57 -16.44
N ALA A 100 1.26 -1.97 -17.18
CA ALA A 100 1.39 -1.70 -18.63
C ALA A 100 2.53 -0.71 -18.85
N PRO A 101 3.30 -0.83 -19.96
CA PRO A 101 4.42 0.07 -20.21
C PRO A 101 4.03 1.54 -20.41
N LYS A 102 2.78 1.80 -20.77
CA LYS A 102 2.28 3.16 -21.06
C LYS A 102 0.78 3.24 -20.77
N TYR A 103 0.36 4.32 -20.13
CA TYR A 103 -1.06 4.70 -19.86
C TYR A 103 -1.26 6.14 -20.33
N ASN A 104 -2.51 6.54 -20.56
CA ASN A 104 -2.89 7.89 -21.03
C ASN A 104 -2.44 8.93 -20.02
N HIS A 105 -2.64 8.65 -18.74
CA HIS A 105 -2.27 9.57 -17.64
C HIS A 105 -1.34 8.85 -16.68
N GLU A 106 -0.18 9.45 -16.41
CA GLU A 106 0.91 8.85 -15.63
C GLU A 106 1.45 9.94 -14.73
N MET A 107 1.59 9.62 -13.45
CA MET A 107 2.02 10.55 -12.38
C MET A 107 3.32 11.27 -12.76
N PRO A 108 4.46 10.59 -13.05
CA PRO A 108 5.70 11.33 -13.31
C PRO A 108 5.63 12.23 -14.55
N GLN A 109 5.08 11.72 -15.64
CA GLN A 109 4.92 12.44 -16.94
C GLN A 109 4.04 13.68 -16.70
N MET A 110 2.96 13.55 -15.92
CA MET A 110 2.08 14.72 -15.66
C MET A 110 2.94 15.82 -15.05
N LEU A 111 3.74 15.48 -14.03
CA LEU A 111 4.53 16.49 -13.28
C LEU A 111 5.68 17.00 -14.13
N LYS A 112 6.34 16.15 -14.93
CA LYS A 112 7.39 16.64 -15.86
C LYS A 112 6.76 17.70 -16.77
N ASP A 113 5.63 17.35 -17.40
CA ASP A 113 4.83 18.22 -18.31
C ASP A 113 4.45 19.52 -17.59
N ALA A 114 4.36 19.53 -16.25
CA ALA A 114 4.09 20.73 -15.42
C ALA A 114 5.38 21.48 -15.07
N GLY A 115 6.57 21.00 -15.49
CA GLY A 115 7.87 21.66 -15.28
C GLY A 115 8.65 21.10 -14.09
N TYR A 116 8.24 19.97 -13.52
CA TYR A 116 8.93 19.34 -12.37
C TYR A 116 10.14 18.56 -12.89
N TYR A 117 11.23 18.57 -12.12
CA TYR A 117 12.34 17.58 -12.28
C TYR A 117 11.85 16.34 -11.54
N THR A 118 11.76 15.20 -12.24
CA THR A 118 11.12 13.95 -11.75
C THR A 118 12.15 12.81 -11.62
N PHE A 119 12.21 12.20 -10.44
CA PHE A 119 13.11 11.07 -10.12
C PHE A 119 12.47 10.10 -9.11
N GLY A 120 12.68 8.80 -9.31
CA GLY A 120 12.21 7.76 -8.37
C GLY A 120 13.34 6.92 -7.84
N ILE A 121 13.32 6.65 -6.54
CA ILE A 121 14.34 5.84 -5.81
C ILE A 121 13.63 4.68 -5.08
N GLY A 122 14.11 3.45 -5.27
CA GLY A 122 13.58 2.25 -4.59
C GLY A 122 12.74 1.38 -5.50
N LYS A 123 11.59 0.92 -5.00
CA LYS A 123 10.78 -0.11 -5.69
C LYS A 123 9.77 0.59 -6.60
N MET A 124 9.83 0.32 -7.90
CA MET A 124 8.79 0.79 -8.84
C MET A 124 7.83 -0.36 -9.16
N HIS A 125 8.35 -1.57 -9.28
CA HIS A 125 7.62 -2.81 -9.66
C HIS A 125 6.93 -2.60 -11.00
N TRP A 126 7.68 -2.09 -11.97
CA TRP A 126 7.12 -1.70 -13.29
C TRP A 126 7.59 -2.69 -14.36
N HIS A 127 6.97 -2.61 -15.54
CA HIS A 127 7.25 -3.49 -16.70
C HIS A 127 7.43 -2.64 -17.96
N PRO A 128 8.55 -2.75 -18.70
CA PRO A 128 9.80 -3.30 -18.17
C PRO A 128 10.26 -2.57 -16.89
N GLN A 129 11.14 -3.21 -16.14
CA GLN A 129 11.59 -2.75 -14.81
C GLN A 129 12.18 -1.36 -14.94
N ARG A 130 12.88 -1.06 -16.05
CA ARG A 130 13.57 0.25 -16.21
C ARG A 130 12.75 1.23 -17.07
N ILE A 131 11.48 0.93 -17.38
CA ILE A 131 10.55 1.94 -18.00
C ILE A 131 10.44 3.11 -17.02
N LYS A 132 10.09 4.31 -17.51
CA LYS A 132 10.21 5.54 -16.67
C LYS A 132 8.82 6.18 -16.43
N HIS A 133 7.87 5.99 -17.34
CA HIS A 133 6.53 6.63 -17.27
C HIS A 133 6.68 8.14 -17.04
N GLY A 134 7.76 8.72 -17.56
CA GLY A 134 8.01 10.17 -17.50
C GLY A 134 9.10 10.57 -16.54
N PHE A 135 9.57 9.67 -15.68
CA PHE A 135 10.70 9.97 -14.75
C PHE A 135 11.95 10.27 -15.58
N GLU A 136 12.75 11.27 -15.18
CA GLU A 136 14.08 11.52 -15.78
C GLU A 136 15.05 10.38 -15.44
N GLY A 137 14.96 9.80 -14.26
CA GLY A 137 15.73 8.58 -13.93
C GLY A 137 15.02 7.81 -12.86
N THR A 138 15.36 6.52 -12.70
CA THR A 138 15.02 5.72 -11.52
C THR A 138 16.29 5.02 -11.05
N LEU A 139 16.39 4.86 -9.74
CA LEU A 139 17.45 4.10 -9.06
C LEU A 139 16.76 3.01 -8.25
N LEU A 140 16.89 1.77 -8.69
CA LEU A 140 15.93 0.68 -8.32
C LEU A 140 16.49 -0.27 -7.26
N ASP A 141 15.62 -0.60 -6.31
CA ASP A 141 15.64 -1.86 -5.54
C ASP A 141 14.39 -2.64 -5.92
N GLU A 142 14.55 -3.66 -6.78
CA GLU A 142 13.41 -4.53 -7.15
C GLU A 142 13.54 -5.85 -6.40
N SER A 143 14.13 -5.82 -5.20
CA SER A 143 14.28 -7.02 -4.35
C SER A 143 14.95 -8.12 -5.20
N GLY A 144 14.36 -9.32 -5.30
CA GLY A 144 14.96 -10.49 -6.00
C GLY A 144 14.45 -10.63 -7.42
N ARG A 145 13.62 -9.70 -7.90
CA ARG A 145 12.97 -9.81 -9.24
C ARG A 145 13.95 -9.39 -10.34
N ARG A 146 14.11 -10.26 -11.33
CA ARG A 146 14.98 -10.06 -12.51
C ARG A 146 14.14 -10.37 -13.75
N GLU A 147 13.58 -9.35 -14.37
CA GLU A 147 12.60 -9.50 -15.47
C GLU A 147 13.22 -8.99 -16.78
N ASP A 148 13.76 -7.76 -16.82
CA ASP A 148 14.43 -7.23 -18.04
C ASP A 148 15.60 -8.13 -18.35
N PRO A 149 15.96 -8.35 -19.64
CA PRO A 149 17.20 -9.04 -19.97
C PRO A 149 18.39 -8.40 -19.21
N ASN A 150 19.20 -9.25 -18.56
CA ASN A 150 20.49 -8.87 -17.91
C ASN A 150 20.27 -7.95 -16.70
N PHE A 151 19.07 -7.88 -16.14
CA PHE A 151 18.75 -6.90 -15.08
C PHE A 151 19.53 -7.24 -13.80
N ILE A 152 20.14 -6.21 -13.23
CA ILE A 152 20.58 -6.17 -11.81
C ILE A 152 20.13 -4.83 -11.25
N SER A 153 19.46 -4.85 -10.10
CA SER A 153 18.96 -3.63 -9.44
C SER A 153 20.17 -2.73 -9.15
N ASP A 154 19.93 -1.42 -9.09
CA ASP A 154 20.97 -0.43 -8.70
C ASP A 154 21.39 -0.70 -7.26
N TYR A 155 20.46 -1.12 -6.41
CA TYR A 155 20.78 -1.55 -5.02
C TYR A 155 21.81 -2.69 -5.04
N ARG A 156 21.60 -3.72 -5.88
CA ARG A 156 22.45 -4.94 -5.83
C ARG A 156 23.82 -4.65 -6.47
N LEU A 157 23.94 -3.72 -7.42
CA LEU A 157 25.26 -3.33 -7.99
C LEU A 157 26.02 -2.54 -6.92
N TRP A 158 25.31 -1.64 -6.24
CA TRP A 158 25.85 -0.81 -5.13
C TRP A 158 26.35 -1.72 -4.00
N PHE A 159 25.60 -2.77 -3.68
CA PHE A 159 25.95 -3.72 -2.62
C PHE A 159 27.31 -4.39 -2.94
N GLN A 160 27.55 -4.75 -4.20
CA GLN A 160 28.80 -5.43 -4.60
C GLN A 160 29.97 -4.48 -4.39
N ILE A 161 29.79 -3.18 -4.70
CA ILE A 161 30.81 -2.13 -4.46
C ILE A 161 31.14 -2.07 -2.95
N GLN A 162 30.10 -2.08 -2.10
CA GLN A 162 30.25 -2.00 -0.62
C GLN A 162 30.81 -3.31 -0.04
N ALA A 163 30.54 -4.46 -0.65
CA ALA A 163 30.77 -5.80 -0.04
C ALA A 163 30.93 -6.85 -1.14
N PRO A 164 32.05 -6.77 -1.90
CA PRO A 164 32.19 -7.60 -3.09
C PRO A 164 32.29 -9.08 -2.72
N GLY A 165 31.52 -9.89 -3.43
CA GLY A 165 31.43 -11.35 -3.22
C GLY A 165 30.48 -11.73 -2.12
N LYS A 166 29.92 -10.76 -1.38
CA LYS A 166 28.92 -11.05 -0.31
C LYS A 166 27.55 -11.30 -0.94
N ASN A 167 26.66 -11.88 -0.14
CA ASN A 167 25.29 -12.30 -0.54
C ASN A 167 24.29 -11.35 0.11
N PRO A 168 23.62 -10.47 -0.66
CA PRO A 168 22.64 -9.55 -0.07
C PRO A 168 21.49 -10.31 0.61
N ASP A 169 21.30 -11.59 0.28
CA ASP A 169 20.25 -12.47 0.89
C ASP A 169 20.87 -13.41 1.93
N GLU A 170 22.01 -13.03 2.50
CA GLU A 170 22.73 -13.82 3.54
C GLU A 170 21.78 -14.23 4.66
N THR A 171 20.82 -13.39 5.06
CA THR A 171 19.92 -13.69 6.20
C THR A 171 19.17 -15.00 5.97
N GLY A 172 18.89 -15.36 4.72
CA GLY A 172 18.29 -16.67 4.36
C GLY A 172 16.79 -16.73 4.58
N ILE A 173 16.11 -15.59 4.64
CA ILE A 173 14.62 -15.56 4.73
C ILE A 173 14.08 -15.22 3.33
N GLY A 174 13.11 -16.00 2.86
CA GLY A 174 12.49 -15.87 1.53
C GLY A 174 11.64 -14.62 1.41
N TRP A 175 11.40 -14.19 0.17
CA TRP A 175 10.70 -12.93 -0.17
C TRP A 175 9.24 -13.01 0.29
N ASN A 176 8.69 -14.22 0.38
CA ASN A 176 7.27 -14.44 0.70
C ASN A 176 7.09 -15.20 2.03
N ASP A 177 8.14 -15.31 2.85
CA ASP A 177 8.13 -16.12 4.11
C ASP A 177 7.33 -15.42 5.23
N HIS A 178 6.73 -16.21 6.12
CA HIS A 178 6.00 -15.77 7.33
C HIS A 178 6.95 -15.78 8.56
N GLY A 179 8.08 -16.48 8.47
CA GLY A 179 9.13 -16.54 9.51
C GLY A 179 10.01 -15.30 9.53
N ALA A 180 10.81 -15.16 10.57
CA ALA A 180 11.64 -13.97 10.81
C ALA A 180 13.05 -14.35 11.27
N ALA A 181 13.97 -13.40 11.13
CA ALA A 181 15.36 -13.50 11.63
C ALA A 181 15.97 -12.10 11.60
N THR A 182 16.94 -11.83 12.48
CA THR A 182 17.73 -10.57 12.45
C THR A 182 18.62 -10.58 11.21
N TYR A 183 18.79 -9.41 10.61
CA TYR A 183 19.66 -9.16 9.44
C TYR A 183 21.07 -9.69 9.73
N LYS A 184 21.63 -10.50 8.82
CA LYS A 184 22.95 -11.15 9.05
C LYS A 184 24.03 -10.35 8.32
N LEU A 185 23.75 -9.09 7.97
CA LEU A 185 24.75 -8.13 7.42
C LEU A 185 24.70 -6.83 8.21
N LYS A 186 25.68 -5.97 8.02
CA LYS A 186 25.67 -4.65 8.72
C LYS A 186 24.46 -3.84 8.24
N GLU A 187 23.96 -2.97 9.11
CA GLU A 187 22.71 -2.17 8.91
C GLU A 187 22.89 -1.29 7.68
N SER A 188 24.11 -0.78 7.47
CA SER A 188 24.47 0.11 6.34
C SER A 188 24.53 -0.62 4.97
N LEU A 189 24.28 -1.92 4.88
CA LEU A 189 24.12 -2.64 3.58
C LEU A 189 22.64 -2.92 3.26
N HIS A 190 21.75 -2.70 4.23
CA HIS A 190 20.31 -3.05 4.14
C HIS A 190 19.65 -2.15 3.11
N PRO A 191 18.72 -2.69 2.28
CA PRO A 191 18.01 -1.90 1.28
C PRO A 191 17.25 -0.69 1.84
N THR A 192 16.81 -0.76 3.10
CA THR A 192 16.10 0.38 3.73
C THR A 192 17.11 1.52 3.89
N TYR A 193 18.34 1.22 4.31
CA TYR A 193 19.38 2.26 4.49
C TYR A 193 19.74 2.85 3.12
N TRP A 194 19.99 1.97 2.16
CA TRP A 194 20.33 2.40 0.77
C TRP A 194 19.23 3.32 0.24
N THR A 195 17.97 2.93 0.40
CA THR A 195 16.84 3.73 -0.12
C THR A 195 16.85 5.14 0.53
N GLY A 196 16.91 5.22 1.85
CA GLY A 196 16.88 6.52 2.54
C GLY A 196 18.13 7.33 2.21
N GLU A 197 19.27 6.68 2.12
CA GLU A 197 20.59 7.32 1.90
C GLU A 197 20.62 8.00 0.52
N MET A 198 20.23 7.29 -0.54
CA MET A 198 20.21 7.85 -1.91
C MET A 198 19.16 8.98 -2.01
N ALA A 199 18.02 8.88 -1.32
CA ALA A 199 17.01 9.96 -1.30
C ALA A 199 17.57 11.19 -0.58
N CYS A 200 18.26 11.01 0.54
CA CYS A 200 18.91 12.08 1.34
C CYS A 200 19.95 12.81 0.47
N GLN A 201 20.81 12.08 -0.24
CA GLN A 201 21.85 12.70 -1.10
C GLN A 201 21.18 13.53 -2.18
N MET A 202 20.14 13.01 -2.84
CA MET A 202 19.53 13.75 -3.98
C MET A 202 18.92 15.07 -3.46
N ILE A 203 18.23 15.02 -2.34
CA ILE A 203 17.62 16.23 -1.72
C ILE A 203 18.76 17.18 -1.29
N GLN A 204 19.77 16.66 -0.60
CA GLN A 204 20.93 17.44 -0.09
C GLN A 204 21.55 18.24 -1.25
N ASN A 205 21.68 17.59 -2.42
CA ASN A 205 22.38 18.16 -3.60
C ASN A 205 21.43 18.96 -4.49
N TYR A 206 20.14 19.04 -4.15
CA TYR A 206 19.14 19.71 -5.03
C TYR A 206 19.40 21.22 -5.02
N ASP A 207 19.72 21.76 -6.19
CA ASP A 207 20.00 23.21 -6.39
C ASP A 207 19.74 23.50 -7.86
N ASN A 208 18.47 23.55 -8.21
CA ASN A 208 17.95 23.39 -9.59
C ASN A 208 17.11 24.64 -9.92
N GLY A 209 17.65 25.80 -9.55
CA GLY A 209 17.01 27.12 -9.70
C GLY A 209 15.56 27.09 -9.28
N ASN A 210 14.65 27.29 -10.24
CA ASN A 210 13.21 27.54 -9.92
C ASN A 210 12.42 26.26 -10.19
N GLN A 211 13.08 25.15 -10.54
CA GLN A 211 12.40 23.90 -10.95
C GLN A 211 12.04 23.10 -9.69
N PRO A 212 10.73 22.84 -9.46
CA PRO A 212 10.32 22.06 -8.29
C PRO A 212 10.70 20.59 -8.50
N LEU A 213 10.98 19.92 -7.39
CA LEU A 213 11.37 18.49 -7.33
C LEU A 213 10.12 17.63 -7.16
N PHE A 214 9.92 16.62 -8.03
CA PHE A 214 9.05 15.45 -7.73
C PHE A 214 9.94 14.24 -7.44
N LEU A 215 10.08 13.88 -6.16
CA LEU A 215 10.90 12.72 -5.72
C LEU A 215 9.93 11.64 -5.23
N LYS A 216 10.03 10.45 -5.78
CA LYS A 216 9.36 9.25 -5.23
C LYS A 216 10.38 8.44 -4.44
N VAL A 217 10.11 8.20 -3.15
CA VAL A 217 10.97 7.34 -2.30
C VAL A 217 10.13 6.12 -1.90
N SER A 218 10.49 4.93 -2.40
CA SER A 218 9.64 3.69 -2.33
C SER A 218 10.45 2.54 -1.70
N PHE A 219 10.15 2.18 -0.45
CA PHE A 219 10.82 1.11 0.31
C PHE A 219 10.23 -0.25 -0.09
N ALA A 220 11.08 -1.25 -0.36
CA ALA A 220 10.73 -2.68 -0.52
C ALA A 220 10.13 -3.24 0.77
N ARG A 221 10.68 -2.83 1.91
CA ARG A 221 10.18 -3.26 3.23
C ARG A 221 8.93 -2.44 3.54
N PRO A 222 8.08 -2.82 4.53
CA PRO A 222 8.28 -4.02 5.35
C PRO A 222 7.71 -5.35 4.80
N HIS A 223 7.47 -5.43 3.49
CA HIS A 223 7.28 -6.73 2.78
C HIS A 223 8.33 -7.70 3.31
N SER A 224 8.00 -8.99 3.42
CA SER A 224 8.99 -10.05 3.76
C SER A 224 10.20 -9.93 2.84
N PRO A 225 11.42 -10.34 3.27
CA PRO A 225 11.67 -10.97 4.57
C PRO A 225 11.57 -10.03 5.78
N TYR A 226 11.04 -10.57 6.88
CA TYR A 226 11.06 -9.89 8.21
C TYR A 226 12.48 -9.99 8.76
N ASP A 227 13.36 -9.08 8.29
CA ASP A 227 14.82 -9.17 8.48
C ASP A 227 15.38 -7.89 9.11
N PRO A 228 14.79 -7.38 10.22
CA PRO A 228 15.33 -6.18 10.87
C PRO A 228 16.75 -6.36 11.40
N PRO A 229 17.59 -5.30 11.36
CA PRO A 229 18.83 -5.29 12.12
C PRO A 229 18.53 -5.48 13.62
N GLN A 230 19.41 -6.19 14.31
CA GLN A 230 19.38 -6.39 15.79
C GLN A 230 19.09 -5.06 16.50
N ARG A 231 19.75 -3.95 16.14
CA ARG A 231 19.62 -2.62 16.79
C ARG A 231 18.15 -2.19 16.89
N PHE A 232 17.35 -2.50 15.87
CA PHE A 232 15.91 -2.13 15.77
C PHE A 232 15.05 -3.16 16.51
N LEU A 233 15.43 -4.43 16.47
CA LEU A 233 14.70 -5.48 17.21
C LEU A 233 14.81 -5.17 18.72
N ASP A 234 15.97 -4.70 19.18
CA ASP A 234 16.25 -4.36 20.60
C ASP A 234 15.32 -3.24 21.08
N MET A 235 14.87 -2.36 20.19
CA MET A 235 13.95 -1.24 20.54
C MET A 235 12.60 -1.80 20.96
N TYR A 236 12.35 -3.09 20.70
CA TYR A 236 11.07 -3.77 21.05
C TYR A 236 11.28 -4.76 22.21
N LYS A 237 12.40 -4.73 22.95
CA LYS A 237 12.74 -5.74 24.03
C LYS A 237 11.57 -5.86 25.04
N ASP A 238 10.96 -4.77 25.49
CA ASP A 238 9.89 -4.87 26.53
C ASP A 238 8.49 -4.65 25.93
N ALA A 239 8.36 -4.65 24.60
CA ALA A 239 7.08 -4.33 23.92
C ALA A 239 6.19 -5.58 23.91
N GLN A 240 4.88 -5.37 24.08
CA GLN A 240 3.80 -6.36 23.83
C GLN A 240 3.10 -5.95 22.53
N VAL A 241 3.35 -6.66 21.43
CA VAL A 241 2.70 -6.33 20.13
C VAL A 241 1.33 -7.01 20.09
N PRO A 242 0.31 -6.39 19.44
CA PRO A 242 -1.04 -6.94 19.40
C PRO A 242 -1.11 -8.38 18.87
N ASP A 243 -2.05 -9.16 19.37
CA ASP A 243 -2.31 -10.55 18.91
C ASP A 243 -2.88 -10.46 17.51
N PRO A 244 -2.81 -11.55 16.71
CA PRO A 244 -3.65 -11.66 15.51
C PRO A 244 -5.12 -11.66 15.95
N VAL A 245 -6.01 -11.13 15.14
CA VAL A 245 -7.48 -11.14 15.38
C VAL A 245 -8.03 -12.39 14.67
N ILE A 246 -8.90 -13.16 15.33
CA ILE A 246 -9.40 -14.46 14.78
C ILE A 246 -10.92 -14.39 14.72
N GLY A 247 -11.51 -14.34 13.51
CA GLY A 247 -12.97 -14.29 13.32
C GLY A 247 -13.65 -15.64 13.55
N GLU A 248 -14.97 -15.66 13.71
CA GLU A 248 -15.75 -16.94 13.84
C GLU A 248 -15.84 -17.65 12.48
N TRP A 249 -15.67 -16.94 11.37
CA TRP A 249 -15.88 -17.46 9.99
C TRP A 249 -14.64 -18.15 9.43
N CYS A 250 -13.50 -18.14 10.12
CA CYS A 250 -12.20 -18.50 9.48
C CYS A 250 -11.80 -19.94 9.85
N GLY A 251 -12.77 -20.76 10.31
CA GLY A 251 -12.65 -22.20 10.62
C GLY A 251 -11.86 -23.00 9.60
N LYS A 252 -12.07 -22.77 8.30
CA LYS A 252 -11.38 -23.44 7.15
C LYS A 252 -9.85 -23.50 7.35
N TYR A 253 -9.22 -22.57 8.10
CA TYR A 253 -7.75 -22.54 8.31
C TYR A 253 -7.37 -22.63 9.80
N ALA A 254 -8.21 -23.20 10.66
CA ALA A 254 -8.07 -23.22 12.14
C ALA A 254 -7.08 -24.31 12.61
N LYS A 255 -6.87 -25.38 11.84
CA LYS A 255 -5.98 -26.49 12.28
C LYS A 255 -4.62 -25.89 12.67
N GLU A 256 -4.18 -26.14 13.90
CA GLU A 256 -2.85 -25.72 14.39
C GLU A 256 -1.80 -26.49 13.61
N LEU A 257 -0.82 -25.81 13.01
CA LEU A 257 0.25 -26.43 12.19
C LEU A 257 1.60 -26.08 12.79
N ASP A 258 2.62 -26.85 12.46
CA ASP A 258 4.01 -26.55 12.88
C ASP A 258 4.64 -25.69 11.80
N PRO A 259 4.99 -24.43 12.12
CA PRO A 259 5.55 -23.54 11.10
C PRO A 259 6.81 -24.09 10.43
N GLU A 260 7.63 -24.84 11.18
CA GLU A 260 8.88 -25.49 10.70
C GLU A 260 8.58 -26.59 9.68
N LYS A 261 7.35 -27.09 9.61
CA LYS A 261 6.95 -28.20 8.70
C LYS A 261 6.15 -27.63 7.52
N ALA A 262 5.39 -26.56 7.70
CA ALA A 262 4.57 -25.94 6.64
C ALA A 262 5.47 -25.31 5.57
N ALA A 263 4.88 -25.04 4.40
CA ALA A 263 5.53 -24.27 3.33
C ALA A 263 6.00 -22.96 3.96
N LYS A 264 7.24 -22.55 3.70
CA LYS A 264 7.86 -21.33 4.30
C LYS A 264 7.09 -20.08 3.88
N ASP A 265 6.41 -20.12 2.73
CA ASP A 265 5.63 -18.99 2.14
C ASP A 265 4.12 -19.25 2.20
N ALA A 266 3.65 -20.12 3.11
CA ALA A 266 2.21 -20.45 3.24
C ALA A 266 1.40 -19.15 3.20
N PRO A 267 0.34 -19.07 2.37
CA PRO A 267 -0.58 -17.93 2.45
C PRO A 267 -1.65 -18.09 3.56
N TYR A 268 -1.80 -19.29 4.13
CA TYR A 268 -2.78 -19.63 5.19
C TYR A 268 -2.12 -20.54 6.24
N GLY A 269 -2.51 -20.43 7.52
CA GLY A 269 -1.98 -21.33 8.55
C GLY A 269 -2.10 -20.79 9.96
N ASN A 270 -2.59 -21.62 10.88
CA ASN A 270 -2.58 -21.28 12.32
C ASN A 270 -1.30 -21.85 12.92
N PHE A 271 -0.29 -21.00 13.09
CA PHE A 271 1.01 -21.28 13.72
C PHE A 271 1.02 -20.83 15.19
N GLY A 272 -0.15 -20.51 15.73
CA GLY A 272 -0.31 -20.07 17.12
C GLY A 272 -0.09 -18.58 17.22
N ASN A 273 -0.58 -17.97 18.30
CA ASN A 273 -0.56 -16.49 18.51
C ASN A 273 0.88 -16.02 18.78
N GLU A 274 1.67 -16.87 19.42
CA GLU A 274 3.06 -16.55 19.84
C GLU A 274 3.93 -16.37 18.59
N TYR A 275 3.79 -17.27 17.62
CA TYR A 275 4.54 -17.25 16.34
C TYR A 275 4.17 -15.96 15.60
N ALA A 276 2.87 -15.67 15.49
CA ALA A 276 2.38 -14.45 14.81
C ALA A 276 2.97 -13.22 15.49
N ARG A 277 3.00 -13.16 16.84
CA ARG A 277 3.50 -11.97 17.59
C ARG A 277 5.02 -11.87 17.35
N HIS A 278 5.73 -12.99 17.26
CA HIS A 278 7.20 -13.02 17.00
C HIS A 278 7.47 -12.36 15.64
N SER A 279 6.81 -12.82 14.58
CA SER A 279 7.00 -12.27 13.22
C SER A 279 6.56 -10.79 13.24
N LYS A 280 5.48 -10.46 13.95
CA LYS A 280 4.96 -9.08 13.98
C LYS A 280 6.01 -8.15 14.60
N ARG A 281 6.73 -8.62 15.64
CA ARG A 281 7.78 -7.81 16.31
C ARG A 281 8.89 -7.48 15.30
N TYR A 282 9.31 -8.46 14.50
CA TYR A 282 10.38 -8.30 13.48
C TYR A 282 9.88 -7.38 12.33
N TYR A 283 8.64 -7.58 11.91
CA TYR A 283 7.89 -6.67 10.99
C TYR A 283 7.92 -5.23 11.53
N TYR A 284 7.56 -5.02 12.80
CA TYR A 284 7.44 -3.68 13.41
C TYR A 284 8.83 -3.01 13.48
N ALA A 285 9.85 -3.79 13.78
CA ALA A 285 11.26 -3.34 13.81
C ALA A 285 11.66 -2.81 12.42
N ASN A 286 11.26 -3.47 11.34
CA ASN A 286 11.60 -2.99 9.96
C ASN A 286 10.85 -1.69 9.67
N ILE A 287 9.64 -1.51 10.21
CA ILE A 287 8.89 -0.24 10.03
C ILE A 287 9.66 0.88 10.77
N THR A 288 10.15 0.59 11.96
CA THR A 288 10.89 1.59 12.79
C THR A 288 12.19 1.99 12.07
N PHE A 289 12.86 1.04 11.43
CA PHE A 289 14.02 1.29 10.55
C PHE A 289 13.61 2.23 9.41
N ILE A 290 12.56 1.86 8.70
CA ILE A 290 12.05 2.75 7.62
C ILE A 290 11.78 4.13 8.21
N ASP A 291 11.05 4.18 9.33
CA ASP A 291 10.60 5.48 9.92
C ASP A 291 11.83 6.37 10.21
N GLU A 292 12.95 5.80 10.68
CA GLU A 292 14.23 6.52 10.93
C GLU A 292 14.80 7.08 9.63
N GLN A 293 14.81 6.29 8.55
CA GLN A 293 15.23 6.79 7.21
C GLN A 293 14.28 7.89 6.73
N ILE A 294 12.97 7.76 6.99
CA ILE A 294 12.01 8.82 6.57
C ILE A 294 12.34 10.09 7.38
N GLY A 295 12.69 9.93 8.65
CA GLY A 295 13.18 11.04 9.51
C GLY A 295 14.36 11.74 8.87
N ARG A 296 15.33 11.00 8.35
CA ARG A 296 16.52 11.58 7.67
C ARG A 296 16.04 12.37 6.43
N VAL A 297 15.09 11.82 5.69
CA VAL A 297 14.64 12.47 4.43
C VAL A 297 13.93 13.76 4.81
N LEU A 298 13.08 13.75 5.84
CA LEU A 298 12.30 14.96 6.24
C LEU A 298 13.26 16.04 6.78
N GLN A 299 14.26 15.65 7.57
CA GLN A 299 15.27 16.59 8.12
C GLN A 299 16.08 17.22 6.98
N THR A 300 16.53 16.42 6.01
CA THR A 300 17.26 16.94 4.83
C THR A 300 16.40 18.03 4.16
N LEU A 301 15.11 17.74 3.91
CA LEU A 301 14.18 18.72 3.30
C LEU A 301 14.12 20.02 4.14
N LYS A 302 14.07 19.90 5.47
CA LYS A 302 14.01 21.08 6.38
C LYS A 302 15.34 21.85 6.30
N ASP A 303 16.45 21.12 6.37
CA ASP A 303 17.83 21.65 6.33
C ASP A 303 18.05 22.46 5.04
N LYS A 304 17.39 22.05 3.97
CA LYS A 304 17.52 22.66 2.63
C LYS A 304 16.46 23.74 2.48
N GLY A 305 15.59 23.92 3.49
CA GLY A 305 14.47 24.89 3.45
C GLY A 305 13.42 24.52 2.42
N MET A 306 13.16 23.23 2.19
CA MET A 306 12.26 22.78 1.09
C MET A 306 10.98 22.22 1.68
N TYR A 307 11.02 21.82 2.96
CA TYR A 307 9.94 21.12 3.71
C TYR A 307 8.62 21.91 3.63
N ASP A 308 8.69 23.21 3.93
CA ASP A 308 7.47 24.02 4.21
C ASP A 308 6.71 24.27 2.90
N ASN A 309 7.38 24.32 1.76
CA ASN A 309 6.68 24.35 0.44
C ASN A 309 6.86 23.01 -0.28
N SER A 310 6.79 21.89 0.45
CA SER A 310 6.60 20.53 -0.11
C SER A 310 5.22 19.97 0.26
N LEU A 311 4.52 19.41 -0.75
CA LEU A 311 3.48 18.37 -0.54
C LEU A 311 4.20 17.05 -0.23
N ILE A 312 4.06 16.51 0.98
CA ILE A 312 4.70 15.24 1.40
C ILE A 312 3.60 14.19 1.62
N ILE A 313 3.63 13.09 0.85
CA ILE A 313 2.70 11.94 0.96
C ILE A 313 3.41 10.78 1.64
N PHE A 314 2.74 10.12 2.57
CA PHE A 314 3.14 8.76 3.01
C PHE A 314 1.97 7.80 2.79
N VAL A 315 2.20 6.71 2.05
CA VAL A 315 1.21 5.61 1.86
C VAL A 315 1.96 4.27 1.78
N SER A 316 1.19 3.18 1.71
CA SER A 316 1.65 1.83 1.30
C SER A 316 0.72 1.29 0.20
N ASP A 317 1.15 0.25 -0.48
CA ASP A 317 0.41 -0.31 -1.64
C ASP A 317 -0.66 -1.27 -1.11
N HIS A 318 -0.49 -1.80 0.11
CA HIS A 318 -1.40 -2.75 0.81
C HIS A 318 -0.77 -3.20 2.12
N GLY A 319 -1.52 -3.97 2.90
CA GLY A 319 -1.13 -4.44 4.24
C GLY A 319 -0.48 -5.82 4.20
N ASP A 320 -0.35 -6.39 5.38
CA ASP A 320 0.20 -7.72 5.67
C ASP A 320 -0.72 -8.33 6.71
N MET A 321 -1.32 -9.48 6.42
CA MET A 321 -2.34 -10.10 7.33
C MET A 321 -1.68 -10.50 8.65
N MET A 322 -0.42 -10.94 8.62
CA MET A 322 0.41 -11.23 9.84
C MET A 322 -0.37 -12.10 10.83
N GLY A 323 -1.05 -13.12 10.30
CA GLY A 323 -1.74 -14.16 11.08
C GLY A 323 -3.18 -13.84 11.39
N ASP A 324 -3.67 -12.65 11.02
CA ASP A 324 -5.10 -12.28 11.21
C ASP A 324 -5.97 -13.34 10.52
N HIS A 325 -6.94 -13.90 11.25
CA HIS A 325 -7.87 -14.94 10.72
C HIS A 325 -7.11 -16.11 10.09
N TYR A 326 -5.88 -16.37 10.57
CA TYR A 326 -5.00 -17.47 10.09
C TYR A 326 -4.62 -17.24 8.63
N HIS A 327 -4.64 -15.97 8.20
CA HIS A 327 -4.14 -15.53 6.86
C HIS A 327 -2.75 -14.91 6.99
N TRP A 328 -1.94 -15.09 5.95
CA TRP A 328 -0.60 -14.45 5.77
C TRP A 328 -0.60 -13.77 4.40
N ARG A 329 0.36 -12.86 4.18
CA ARG A 329 0.55 -12.20 2.87
C ARG A 329 -0.64 -11.25 2.68
N LYS A 330 -1.13 -11.11 1.44
CA LYS A 330 -2.08 -10.04 1.00
C LYS A 330 -3.10 -10.65 0.02
N THR A 331 -3.80 -9.80 -0.72
CA THR A 331 -4.73 -10.13 -1.86
C THR A 331 -6.12 -10.47 -1.33
N TYR A 332 -6.41 -10.17 -0.07
CA TYR A 332 -7.70 -10.42 0.61
C TYR A 332 -8.39 -9.09 0.87
N PRO A 333 -9.72 -9.11 1.11
CA PRO A 333 -10.46 -7.88 1.39
C PRO A 333 -10.35 -7.31 2.80
N TYR A 334 -9.94 -8.11 3.77
CA TYR A 334 -9.93 -7.81 5.23
C TYR A 334 -9.03 -6.61 5.48
N GLU A 335 -9.23 -5.92 6.60
CA GLU A 335 -8.53 -4.66 6.97
C GLU A 335 -7.00 -4.88 6.90
N GLY A 336 -6.52 -6.03 7.36
CA GLY A 336 -5.07 -6.30 7.45
C GLY A 336 -4.43 -6.24 6.08
N SER A 337 -5.21 -6.42 5.02
CA SER A 337 -4.75 -6.49 3.62
C SER A 337 -5.03 -5.19 2.86
N THR A 338 -6.22 -4.58 3.01
CA THR A 338 -6.68 -3.41 2.20
C THR A 338 -6.48 -2.06 2.93
N HIS A 339 -6.39 -2.02 4.25
CA HIS A 339 -6.28 -0.74 4.99
C HIS A 339 -4.82 -0.28 4.97
N ILE A 340 -4.53 0.92 4.48
CA ILE A 340 -3.12 1.39 4.33
C ILE A 340 -2.89 2.68 5.11
N PRO A 341 -1.61 2.95 5.48
CA PRO A 341 -1.22 4.23 6.05
C PRO A 341 -1.52 5.28 4.98
N TYR A 342 -1.89 6.48 5.40
CA TYR A 342 -2.28 7.54 4.44
C TYR A 342 -2.17 8.90 5.11
N ILE A 343 -1.05 9.58 4.85
CA ILE A 343 -0.68 10.91 5.44
C ILE A 343 -0.39 11.90 4.31
N ILE A 344 -0.89 13.13 4.43
CA ILE A 344 -0.47 14.27 3.57
C ILE A 344 -0.09 15.45 4.49
N LYS A 345 1.15 15.88 4.36
CA LYS A 345 1.66 17.18 4.89
C LYS A 345 1.60 18.17 3.75
N TRP A 346 0.68 19.13 3.83
CA TRP A 346 0.39 20.06 2.71
C TRP A 346 1.45 21.15 2.66
N PRO A 347 1.63 21.84 1.52
CA PRO A 347 2.47 23.05 1.50
C PRO A 347 1.91 24.04 2.54
N ALA A 348 2.76 24.67 3.35
CA ALA A 348 2.36 25.65 4.39
C ALA A 348 1.45 26.74 3.79
N LYS A 349 1.68 27.10 2.52
CA LYS A 349 0.90 28.14 1.79
C LYS A 349 -0.58 27.76 1.65
N ALA A 350 -0.90 26.49 1.38
CA ALA A 350 -2.26 26.05 0.98
C ALA A 350 -3.23 26.19 2.15
N GLN A 351 -2.70 26.30 3.37
CA GLN A 351 -3.42 26.68 4.62
C GLN A 351 -4.40 25.60 5.03
N VAL A 352 -3.90 24.38 5.23
CA VAL A 352 -4.71 23.23 5.71
C VAL A 352 -4.43 23.09 7.21
N VAL A 353 -5.47 23.05 8.03
CA VAL A 353 -5.35 22.81 9.49
C VAL A 353 -5.10 21.33 9.71
N PRO A 354 -4.04 20.92 10.45
CA PRO A 354 -3.79 19.50 10.67
C PRO A 354 -5.03 18.83 11.29
N GLY A 355 -5.38 17.60 10.87
CA GLY A 355 -6.58 16.90 11.37
C GLY A 355 -6.67 15.45 10.93
N LYS A 356 -7.86 14.87 11.07
CA LYS A 356 -8.22 13.51 10.58
C LYS A 356 -9.40 13.60 9.63
N VAL A 357 -9.39 12.74 8.62
CA VAL A 357 -10.48 12.57 7.61
C VAL A 357 -10.91 11.09 7.67
N ASP A 358 -12.21 10.83 7.84
CA ASP A 358 -12.73 9.45 8.02
C ASP A 358 -13.24 8.90 6.69
N ASN A 359 -13.45 9.77 5.72
CA ASN A 359 -14.04 9.39 4.41
C ASN A 359 -13.13 8.36 3.76
N PRO A 360 -13.71 7.39 3.01
CA PRO A 360 -12.90 6.39 2.32
C PRO A 360 -12.06 7.01 1.20
N VAL A 361 -10.74 6.98 1.35
CA VAL A 361 -9.81 7.46 0.27
C VAL A 361 -8.96 6.29 -0.22
N GLU A 362 -8.42 6.42 -1.43
CA GLU A 362 -7.69 5.34 -2.13
C GLU A 362 -6.47 5.90 -2.89
N LEU A 363 -5.54 5.02 -3.23
CA LEU A 363 -4.31 5.34 -3.98
C LEU A 363 -4.65 6.16 -5.25
N ARG A 364 -5.76 5.88 -5.93
CA ARG A 364 -6.21 6.64 -7.13
C ARG A 364 -6.37 8.15 -6.83
N ASP A 365 -6.49 8.58 -5.57
CA ASP A 365 -6.80 10.01 -5.24
C ASP A 365 -5.49 10.82 -5.20
N LEU A 366 -4.33 10.18 -5.20
CA LEU A 366 -3.04 10.93 -5.15
C LEU A 366 -2.80 11.66 -6.46
N LEU A 367 -2.90 11.01 -7.63
CA LEU A 367 -2.58 11.71 -8.92
C LEU A 367 -3.42 12.98 -9.08
N PRO A 368 -4.78 12.96 -8.94
CA PRO A 368 -5.56 14.18 -9.04
C PRO A 368 -5.21 15.26 -7.99
N THR A 369 -4.80 14.87 -6.79
CA THR A 369 -4.29 15.83 -5.77
C THR A 369 -3.04 16.54 -6.33
N PHE A 370 -2.11 15.76 -6.89
CA PHE A 370 -0.88 16.24 -7.55
C PHE A 370 -1.21 17.22 -8.70
N PHE A 371 -2.11 16.85 -9.61
CA PHE A 371 -2.66 17.75 -10.67
C PHE A 371 -3.02 19.09 -10.03
N GLU A 372 -3.85 19.09 -8.98
CA GLU A 372 -4.36 20.35 -8.38
C GLU A 372 -3.16 21.11 -7.81
N ILE A 373 -2.27 20.44 -7.07
CA ILE A 373 -1.13 21.09 -6.38
C ILE A 373 -0.14 21.64 -7.41
N ALA A 374 0.02 20.95 -8.54
CA ALA A 374 0.93 21.36 -9.63
C ALA A 374 0.24 22.44 -10.48
N GLY A 375 -1.09 22.58 -10.34
CA GLY A 375 -1.90 23.61 -11.00
C GLY A 375 -2.27 23.19 -12.42
N THR A 376 -2.44 21.90 -12.68
CA THR A 376 -2.99 21.38 -13.97
C THR A 376 -4.41 20.88 -13.72
N SER A 377 -5.31 21.10 -14.69
CA SER A 377 -6.71 20.64 -14.68
C SER A 377 -6.73 19.11 -14.76
N VAL A 378 -7.42 18.48 -13.81
CA VAL A 378 -7.67 17.01 -13.80
C VAL A 378 -8.42 16.67 -15.08
N PRO A 379 -7.91 15.74 -15.90
CA PRO A 379 -8.73 15.12 -16.93
C PRO A 379 -10.00 14.48 -16.38
N THR A 380 -11.01 14.37 -17.22
CA THR A 380 -12.33 13.79 -16.85
C THR A 380 -12.20 12.27 -16.82
N ASP A 381 -11.24 11.64 -17.52
CA ASP A 381 -11.13 10.16 -17.54
C ASP A 381 -10.30 9.61 -16.36
N ILE A 382 -9.97 10.43 -15.35
CA ILE A 382 -9.32 10.00 -14.07
C ILE A 382 -10.43 9.70 -13.03
N ASP A 383 -10.32 8.60 -12.27
CA ASP A 383 -11.33 8.17 -11.26
C ASP A 383 -11.13 8.79 -9.89
N GLY A 384 -9.88 8.98 -9.48
CA GLY A 384 -9.57 9.62 -8.20
C GLY A 384 -10.12 11.03 -8.19
N ARG A 385 -10.16 11.63 -7.00
CA ARG A 385 -10.59 13.02 -6.80
C ARG A 385 -9.58 13.70 -5.88
N SER A 386 -9.15 14.92 -6.19
CA SER A 386 -8.18 15.66 -5.34
C SER A 386 -8.71 15.62 -3.91
N LEU A 387 -7.78 15.61 -2.95
CA LEU A 387 -8.06 15.45 -1.51
C LEU A 387 -7.99 16.81 -0.79
N LEU A 388 -7.64 17.89 -1.49
CA LEU A 388 -7.35 19.19 -0.81
C LEU A 388 -8.63 19.74 -0.14
N SER A 389 -9.77 19.77 -0.84
N SER A 389 -9.78 19.73 -0.83
CA SER A 389 -11.07 20.26 -0.31
CA SER A 389 -11.07 20.29 -0.31
C SER A 389 -11.44 19.44 0.94
C SER A 389 -11.63 19.42 0.83
N LEU A 390 -11.35 18.11 0.82
CA LEU A 390 -11.71 17.18 1.91
C LEU A 390 -10.85 17.49 3.15
N ALA A 391 -9.54 17.71 2.96
CA ALA A 391 -8.60 18.04 4.05
C ALA A 391 -8.94 19.41 4.64
N LYS A 392 -9.51 20.30 3.84
CA LYS A 392 -9.86 21.68 4.25
C LYS A 392 -11.29 21.70 4.83
N GLY A 393 -12.02 20.59 4.68
CA GLY A 393 -13.40 20.42 5.17
C GLY A 393 -14.39 21.25 4.38
N THR A 394 -14.13 21.45 3.09
CA THR A 394 -14.98 22.24 2.13
C THR A 394 -15.50 21.34 1.02
N GLU A 395 -15.31 20.03 1.11
CA GLU A 395 -15.73 19.08 0.05
C GLU A 395 -17.23 18.84 0.17
N THR A 396 -17.97 18.99 -0.94
CA THR A 396 -19.44 18.81 -1.00
C THR A 396 -19.78 17.50 -1.73
N GLU A 397 -18.84 16.92 -2.48
CA GLU A 397 -19.09 15.65 -3.19
C GLU A 397 -17.87 14.75 -3.01
N TRP A 398 -18.04 13.69 -2.23
CA TRP A 398 -17.04 12.61 -2.03
C TRP A 398 -17.73 11.27 -2.22
N ARG A 399 -17.02 10.24 -2.66
CA ARG A 399 -17.63 8.89 -2.76
C ARG A 399 -18.23 8.48 -1.41
N LYS A 400 -19.30 7.68 -1.47
CA LYS A 400 -19.90 7.01 -0.28
C LYS A 400 -19.04 5.80 0.09
N TYR A 401 -18.70 4.98 -0.91
CA TYR A 401 -17.97 3.70 -0.75
C TYR A 401 -16.78 3.70 -1.70
N ILE A 402 -15.67 3.11 -1.28
CA ILE A 402 -14.54 2.77 -2.19
C ILE A 402 -14.70 1.30 -2.56
N ASP A 403 -14.50 1.00 -3.84
CA ASP A 403 -14.50 -0.36 -4.43
C ASP A 403 -13.13 -1.01 -4.25
N LEU A 404 -13.12 -2.29 -3.87
CA LEU A 404 -11.90 -3.10 -3.65
C LEU A 404 -12.10 -4.36 -4.47
N GLU A 405 -11.03 -4.94 -5.03
CA GLU A 405 -11.14 -6.28 -5.66
C GLU A 405 -9.78 -6.95 -5.74
N HIS A 406 -9.79 -8.25 -6.01
CA HIS A 406 -8.55 -9.01 -6.37
C HIS A 406 -8.93 -10.26 -7.16
N ALA A 407 -8.29 -10.42 -8.32
CA ALA A 407 -8.34 -11.63 -9.17
C ALA A 407 -7.75 -12.80 -8.40
N THR A 408 -8.21 -14.00 -8.74
CA THR A 408 -7.79 -15.27 -8.10
C THR A 408 -6.31 -15.21 -7.75
N CYS A 409 -5.98 -15.43 -6.48
CA CYS A 409 -4.58 -15.50 -6.00
C CYS A 409 -4.50 -16.47 -4.82
N TYR A 410 -3.50 -17.35 -4.82
CA TYR A 410 -3.18 -18.34 -3.76
C TYR A 410 -4.18 -19.52 -3.76
N SER A 411 -5.47 -19.29 -3.92
CA SER A 411 -6.48 -20.37 -3.91
C SER A 411 -7.66 -19.97 -4.81
N ASP A 412 -8.31 -20.96 -5.39
CA ASP A 412 -9.48 -20.77 -6.32
C ASP A 412 -10.54 -19.89 -5.64
N ASP A 413 -10.72 -20.01 -4.33
CA ASP A 413 -11.79 -19.30 -3.57
C ASP A 413 -11.40 -17.83 -3.32
N ASN A 414 -10.11 -17.46 -3.44
CA ASN A 414 -9.72 -16.07 -3.08
C ASN A 414 -9.84 -15.20 -4.34
N TYR A 415 -11.08 -14.84 -4.67
CA TYR A 415 -11.48 -14.11 -5.89
C TYR A 415 -12.72 -13.30 -5.56
N TRP A 416 -12.60 -11.97 -5.52
CA TRP A 416 -13.62 -11.17 -4.80
C TRP A 416 -13.65 -9.71 -5.26
N CYS A 417 -14.77 -9.07 -4.94
CA CYS A 417 -15.00 -7.62 -5.04
C CYS A 417 -15.68 -7.18 -3.76
N ALA A 418 -15.35 -6.00 -3.26
CA ALA A 418 -15.88 -5.47 -1.99
C ALA A 418 -16.11 -3.98 -2.13
N LEU A 419 -16.99 -3.47 -1.28
CA LEU A 419 -17.32 -2.04 -1.11
C LEU A 419 -17.22 -1.73 0.38
N THR A 420 -16.61 -0.62 0.74
CA THR A 420 -16.54 -0.17 2.15
C THR A 420 -16.47 1.37 2.21
N ASP A 421 -17.00 1.91 3.30
CA ASP A 421 -16.78 3.31 3.73
C ASP A 421 -15.94 3.32 5.01
N GLY A 422 -15.43 2.16 5.45
CA GLY A 422 -14.74 2.02 6.76
C GLY A 422 -15.71 1.93 7.94
N LYS A 423 -17.02 1.94 7.68
CA LYS A 423 -18.10 1.74 8.71
C LYS A 423 -18.78 0.39 8.45
N ILE A 424 -19.02 0.07 7.18
CA ILE A 424 -19.57 -1.20 6.69
C ILE A 424 -18.64 -1.74 5.60
N LYS A 425 -18.44 -3.04 5.54
CA LYS A 425 -17.78 -3.66 4.37
C LYS A 425 -18.62 -4.84 3.88
N TYR A 426 -18.94 -4.85 2.58
CA TYR A 426 -19.63 -5.94 1.86
C TYR A 426 -18.66 -6.62 0.88
N ILE A 427 -18.52 -7.94 0.98
CA ILE A 427 -17.61 -8.77 0.14
C ILE A 427 -18.43 -9.78 -0.66
N TRP A 428 -18.23 -9.78 -1.97
CA TRP A 428 -18.78 -10.73 -2.97
C TRP A 428 -17.63 -11.65 -3.46
N TYR A 429 -17.69 -12.94 -3.15
CA TYR A 429 -16.73 -13.98 -3.61
C TYR A 429 -17.22 -14.54 -4.95
N PHE A 430 -16.57 -14.12 -6.04
CA PHE A 430 -16.94 -14.42 -7.44
C PHE A 430 -17.05 -15.93 -7.70
N TYR A 431 -16.09 -16.71 -7.18
CA TYR A 431 -15.92 -18.15 -7.51
C TYR A 431 -16.86 -19.03 -6.67
N THR A 432 -17.09 -18.70 -5.39
CA THR A 432 -17.90 -19.52 -4.44
C THR A 432 -19.33 -18.99 -4.37
N GLY A 433 -19.57 -17.74 -4.77
CA GLY A 433 -20.87 -17.07 -4.58
C GLY A 433 -21.16 -16.81 -3.11
N GLU A 434 -20.16 -16.89 -2.23
CA GLU A 434 -20.28 -16.50 -0.81
C GLU A 434 -20.36 -14.98 -0.74
N GLU A 435 -21.11 -14.46 0.23
CA GLU A 435 -21.07 -13.04 0.60
C GLU A 435 -20.58 -12.93 2.05
N GLN A 436 -19.89 -11.85 2.38
CA GLN A 436 -19.60 -11.49 3.79
C GLN A 436 -20.00 -10.05 4.05
N LEU A 437 -20.41 -9.75 5.27
CA LEU A 437 -20.77 -8.37 5.68
C LEU A 437 -20.18 -8.12 7.06
N PHE A 438 -19.39 -7.06 7.17
CA PHE A 438 -18.75 -6.67 8.44
C PHE A 438 -19.21 -5.27 8.79
N ASP A 439 -19.69 -5.12 10.03
CA ASP A 439 -20.01 -3.81 10.65
C ASP A 439 -18.71 -3.32 11.27
N LEU A 440 -17.95 -2.50 10.54
CA LEU A 440 -16.62 -2.02 11.00
C LEU A 440 -16.78 -1.08 12.20
N ALA A 441 -17.90 -0.35 12.31
CA ALA A 441 -18.21 0.54 13.45
C ALA A 441 -18.27 -0.27 14.75
N LYS A 442 -19.08 -1.33 14.79
CA LYS A 442 -19.28 -2.18 16.00
C LYS A 442 -18.30 -3.36 16.03
N ASP A 443 -17.66 -3.72 14.91
CA ASP A 443 -16.80 -4.93 14.79
C ASP A 443 -15.60 -4.55 13.92
N PRO A 444 -14.70 -3.67 14.40
CA PRO A 444 -13.57 -3.19 13.60
C PRO A 444 -12.58 -4.32 13.22
N LYS A 445 -12.52 -5.42 13.99
CA LYS A 445 -11.58 -6.55 13.74
C LYS A 445 -12.17 -7.53 12.72
N GLU A 446 -13.40 -7.28 12.24
CA GLU A 446 -14.09 -8.16 11.26
C GLU A 446 -14.19 -9.60 11.81
N LEU A 447 -14.60 -9.76 13.07
CA LEU A 447 -14.73 -11.08 13.74
C LEU A 447 -16.02 -11.79 13.33
N HIS A 448 -17.07 -11.04 12.98
CA HIS A 448 -18.45 -11.55 12.87
C HIS A 448 -19.01 -11.28 11.49
N ASN A 449 -19.17 -12.32 10.68
CA ASN A 449 -19.85 -12.22 9.36
C ASN A 449 -21.33 -12.02 9.68
N ALA A 450 -21.88 -10.85 9.38
CA ALA A 450 -23.27 -10.45 9.74
C ALA A 450 -24.25 -10.69 8.57
N VAL A 451 -23.82 -11.41 7.53
CA VAL A 451 -24.62 -11.64 6.30
C VAL A 451 -25.96 -12.35 6.62
N ASN A 452 -26.05 -13.18 7.67
CA ASN A 452 -27.31 -13.91 8.04
C ASN A 452 -27.98 -13.31 9.28
N ASP A 453 -27.45 -12.21 9.81
CA ASP A 453 -28.04 -11.44 10.94
C ASP A 453 -29.26 -10.64 10.43
N LYS A 454 -30.45 -10.97 10.96
CA LYS A 454 -31.74 -10.30 10.63
C LYS A 454 -31.60 -8.78 10.80
N LYS A 455 -30.88 -8.32 11.84
CA LYS A 455 -30.59 -6.88 12.13
C LYS A 455 -29.91 -6.17 10.94
N TYR A 456 -29.29 -6.91 10.01
CA TYR A 456 -28.46 -6.34 8.92
C TYR A 456 -29.11 -6.55 7.54
N LYS A 457 -30.37 -6.99 7.45
CA LYS A 457 -31.02 -7.32 6.14
C LYS A 457 -31.13 -6.05 5.29
N LYS A 458 -31.53 -4.92 5.87
CA LYS A 458 -31.64 -3.63 5.13
C LYS A 458 -30.25 -3.24 4.60
N LEU A 459 -29.25 -3.17 5.48
CA LEU A 459 -27.86 -2.80 5.08
C LEU A 459 -27.33 -3.76 4.00
N LEU A 460 -27.59 -5.06 4.13
CA LEU A 460 -27.12 -6.06 3.15
C LEU A 460 -27.79 -5.84 1.78
N THR A 461 -29.12 -5.66 1.77
CA THR A 461 -29.91 -5.39 0.53
C THR A 461 -29.31 -4.16 -0.17
N GLY A 462 -29.05 -3.10 0.60
CA GLY A 462 -28.41 -1.87 0.09
C GLY A 462 -27.05 -2.13 -0.56
N MET A 463 -26.20 -2.93 0.09
CA MET A 463 -24.78 -3.15 -0.36
C MET A 463 -24.74 -4.06 -1.58
N ARG A 464 -25.64 -5.05 -1.65
CA ARG A 464 -25.76 -5.94 -2.84
C ARG A 464 -26.16 -5.09 -4.06
N ALA A 465 -27.12 -4.18 -3.90
CA ALA A 465 -27.55 -3.23 -4.94
C ALA A 465 -26.33 -2.41 -5.39
N GLU A 466 -25.51 -1.95 -4.45
CA GLU A 466 -24.30 -1.12 -4.78
C GLU A 466 -23.29 -1.94 -5.57
N MET A 467 -23.17 -3.23 -5.27
CA MET A 467 -22.19 -4.13 -5.94
C MET A 467 -22.67 -4.36 -7.37
N ILE A 468 -23.97 -4.54 -7.57
CA ILE A 468 -24.56 -4.71 -8.93
C ILE A 468 -24.34 -3.41 -9.72
N ARG A 469 -24.67 -2.24 -9.15
CA ARG A 469 -24.40 -0.91 -9.76
C ARG A 469 -22.92 -0.88 -10.17
N HIS A 470 -22.00 -1.22 -9.26
CA HIS A 470 -20.54 -1.15 -9.50
C HIS A 470 -20.11 -2.09 -10.65
N LEU A 471 -20.64 -3.30 -10.71
CA LEU A 471 -20.12 -4.38 -11.61
C LEU A 471 -20.85 -4.39 -12.96
N SER A 472 -22.02 -3.72 -13.06
CA SER A 472 -22.89 -3.70 -14.28
C SER A 472 -22.11 -3.35 -15.56
N GLU A 473 -21.26 -2.31 -15.52
CA GLU A 473 -20.45 -1.86 -16.69
C GLU A 473 -19.62 -3.02 -17.24
N ARG A 474 -19.40 -4.07 -16.47
CA ARG A 474 -18.49 -5.16 -16.89
C ARG A 474 -19.22 -6.15 -17.79
N GLY A 475 -20.55 -6.11 -17.82
CA GLY A 475 -21.35 -6.91 -18.76
C GLY A 475 -21.77 -8.25 -18.18
N GLU A 476 -22.19 -9.17 -19.04
CA GLU A 476 -22.99 -10.37 -18.73
C GLU A 476 -22.19 -11.43 -17.96
N GLU A 477 -20.85 -11.40 -18.01
CA GLU A 477 -20.00 -12.37 -17.26
C GLU A 477 -19.89 -11.94 -15.77
N PHE A 478 -20.37 -10.74 -15.40
CA PHE A 478 -20.27 -10.19 -14.02
C PHE A 478 -21.65 -9.85 -13.44
N VAL A 479 -22.55 -9.28 -14.25
CA VAL A 479 -23.98 -9.03 -13.89
C VAL A 479 -24.87 -9.47 -15.05
N LYS A 480 -25.82 -10.40 -14.82
CA LYS A 480 -26.81 -10.88 -15.82
C LYS A 480 -28.23 -10.61 -15.30
N ASP A 481 -29.01 -9.82 -16.02
CA ASP A 481 -30.42 -9.46 -15.72
C ASP A 481 -30.52 -9.02 -14.25
N GLY A 482 -29.62 -8.14 -13.81
CA GLY A 482 -29.70 -7.50 -12.48
C GLY A 482 -29.32 -8.42 -11.33
N GLN A 483 -28.66 -9.55 -11.62
CA GLN A 483 -28.15 -10.52 -10.61
C GLN A 483 -26.62 -10.63 -10.75
N LEU A 484 -25.93 -10.84 -9.63
CA LEU A 484 -24.46 -11.13 -9.61
C LEU A 484 -24.26 -12.53 -10.21
N VAL A 485 -23.23 -12.70 -11.03
CA VAL A 485 -22.87 -13.95 -11.77
C VAL A 485 -21.74 -14.66 -11.01
N VAL A 486 -21.89 -15.96 -10.75
CA VAL A 486 -20.78 -16.79 -10.22
C VAL A 486 -19.87 -17.08 -11.40
N ARG A 487 -18.59 -16.72 -11.28
CA ARG A 487 -17.58 -16.86 -12.35
C ARG A 487 -16.82 -18.17 -12.11
N LYS A 488 -16.49 -18.86 -13.19
CA LYS A 488 -15.65 -20.08 -13.19
C LYS A 488 -14.29 -19.74 -13.79
N LYS A 489 -14.14 -18.55 -14.42
CA LYS A 489 -12.86 -18.07 -15.03
C LYS A 489 -12.40 -16.76 -14.38
N THR A 490 -11.08 -16.61 -14.22
CA THR A 490 -10.44 -15.41 -13.62
C THR A 490 -10.11 -14.36 -14.68
N MET A 491 -10.62 -13.15 -14.56
CA MET A 491 -10.16 -12.06 -15.44
C MET A 491 -9.06 -11.28 -14.70
N LEU A 492 -7.80 -11.43 -15.11
CA LEU A 492 -6.62 -10.73 -14.51
C LEU A 492 -6.43 -9.40 -15.24
N TYR A 493 -6.51 -9.43 -16.57
CA TYR A 493 -6.40 -8.25 -17.46
C TYR A 493 -7.79 -7.94 -18.00
N GLY A 494 -8.39 -6.81 -17.58
CA GLY A 494 -9.67 -6.32 -18.12
C GLY A 494 -9.52 -5.80 -19.56
N PRO A 495 -10.64 -5.54 -20.28
CA PRO A 495 -10.61 -4.91 -21.60
C PRO A 495 -10.03 -3.49 -21.63
N ASN A 496 -9.97 -2.79 -20.50
CA ASN A 496 -9.40 -1.43 -20.43
C ASN A 496 -7.88 -1.44 -20.28
N TYR A 497 -7.24 -2.61 -20.17
CA TYR A 497 -5.77 -2.68 -20.05
C TYR A 497 -5.16 -2.21 -21.37
N PRO A 498 -4.20 -1.25 -21.35
CA PRO A 498 -3.63 -0.70 -22.60
C PRO A 498 -3.17 -1.77 -23.60
N LYS A 499 -3.41 -1.56 -24.90
CA LYS A 499 -3.35 -2.59 -25.98
C LYS A 499 -1.96 -2.63 -26.63
C1 NGS B . 5.21 -12.76 -5.55
C2 NGS B . 4.58 -11.86 -4.49
C3 NGS B . 5.33 -10.54 -4.43
C4 NGS B . 6.83 -10.75 -4.26
C5 NGS B . 7.30 -11.70 -5.33
C6 NGS B . 8.79 -11.97 -5.29
O1 NGS B . 4.54 -14.00 -5.40
O3 NGS B . 4.80 -9.84 -3.33
O5 NGS B . 6.60 -12.96 -5.28
O6 NGS B . 9.13 -12.84 -6.35
N2 NGS B . 3.16 -11.60 -4.75
C7 NGS B . 2.13 -12.08 -4.01
O7 NGS B . 2.28 -12.70 -2.96
C8 NGS B . 0.76 -11.80 -4.54
S NGS B . 10.56 -13.45 -6.31
O7A NGS B . 11.54 -12.36 -6.43
O8 NGS B . 10.73 -14.07 -5.01
O9 NGS B . 10.65 -14.39 -7.41
O4 NGS B . 7.46 -9.48 -4.38
C ACT C . 9.18 -5.99 -2.22
O ACT C . 8.96 -6.31 -3.42
OXT ACT C . 8.58 -5.06 -1.60
CH3 ACT C . 10.21 -6.74 -1.52
#